data_8X2S
#
_entry.id   8X2S
#
_cell.length_a   38.661
_cell.length_b   61.524
_cell.length_c   122.802
_cell.angle_alpha   90.000
_cell.angle_beta   95.320
_cell.angle_gamma   90.000
#
_symmetry.space_group_name_H-M   'P 1 21 1'
#
loop_
_entity.id
_entity.type
_entity.pdbx_description
1 polymer 'Bisphosphoglycerate mutase'
2 non-polymer 1,2-ETHANEDIOL
3 water water
#
_entity_poly.entity_id   1
_entity_poly.type   'polypeptide(L)'
_entity_poly.pdbx_seq_one_letter_code
;GMSKYKLIMLRHGEGAWNKENRFCSWVDQKLNSEGMEEARNCGKQLKALNFEFDLVFTSVLNRSIHTAWLILEELGQEWV
PVESSWRLNERHYGALIGLNREQMALNHGEEQVRLWRRSYNVTPPPIEESHPYYQEIYNDRRYKVCDVPLDQLPRSESLK
DVLERLLPYWNERIAPEVLRGKTILISAHGNSSRALLKHLEGISDEDIINITLPTGVPILLELDENLRAVGPHQFLGDQE
AIQAAIKKVEDQGKVKQAKK
;
_entity_poly.pdbx_strand_id   A,B
#
loop_
_chem_comp.id
_chem_comp.type
_chem_comp.name
_chem_comp.formula
EDO non-polymer 1,2-ETHANEDIOL 'C2 H6 O2'
#
# COMPACT_ATOMS: atom_id res chain seq x y z
N GLY A 1 -23.21 7.41 25.14
CA GLY A 1 -22.66 6.03 25.31
C GLY A 1 -23.39 5.02 24.43
N MET A 2 -24.04 5.49 23.36
CA MET A 2 -24.73 4.62 22.37
C MET A 2 -23.75 4.31 21.21
N SER A 3 -23.77 3.08 20.70
CA SER A 3 -22.90 2.60 19.58
C SER A 3 -23.16 3.43 18.32
N LYS A 4 -22.12 4.09 17.79
CA LYS A 4 -22.21 5.06 16.67
C LYS A 4 -21.20 4.72 15.56
N TYR A 5 -20.02 4.18 15.91
CA TYR A 5 -18.91 3.90 14.96
C TYR A 5 -18.46 2.44 15.12
N LYS A 6 -17.97 1.86 14.03
CA LYS A 6 -17.35 0.52 14.02
C LYS A 6 -15.91 0.67 13.50
N LEU A 7 -14.99 0.07 14.22
CA LEU A 7 -13.54 0.02 13.90
CA LEU A 7 -13.54 0.02 13.91
C LEU A 7 -13.14 -1.46 13.85
N ILE A 8 -12.34 -1.85 12.84
CA ILE A 8 -11.71 -3.20 12.82
C ILE A 8 -10.20 -3.08 13.07
N MET A 9 -9.71 -3.90 13.97
CA MET A 9 -8.27 -4.02 14.26
C MET A 9 -7.92 -5.51 14.24
N LEU A 10 -6.69 -5.84 13.87
CA LEU A 10 -6.22 -7.24 13.92
C LEU A 10 -4.71 -7.24 14.05
N ARG A 11 -4.17 -8.38 14.44
CA ARG A 11 -2.70 -8.54 14.51
C ARG A 11 -2.31 -9.65 13.52
N HIS A 12 -1.14 -9.48 12.93
CA HIS A 12 -0.56 -10.44 11.95
C HIS A 12 -0.28 -11.78 12.66
N GLY A 13 -0.18 -12.84 11.86
CA GLY A 13 0.29 -14.14 12.36
C GLY A 13 1.72 -14.03 12.87
N GLU A 14 2.02 -14.68 13.99
CA GLU A 14 3.37 -14.65 14.60
C GLU A 14 4.27 -15.63 13.84
N GLY A 15 5.58 -15.57 14.09
CA GLY A 15 6.61 -16.21 13.26
C GLY A 15 7.37 -17.30 13.99
N ALA A 16 8.51 -17.72 13.43
CA ALA A 16 9.40 -18.77 13.98
C ALA A 16 9.89 -18.36 15.38
N TRP A 17 10.43 -17.14 15.50
CA TRP A 17 10.96 -16.60 16.78
C TRP A 17 9.93 -16.78 17.90
N ASN A 18 8.66 -16.53 17.59
CA ASN A 18 7.58 -16.59 18.60
C ASN A 18 7.45 -18.04 19.12
N LYS A 19 7.65 -19.04 18.26
CA LYS A 19 7.63 -20.48 18.65
C LYS A 19 8.81 -20.78 19.59
N GLU A 20 9.95 -20.10 19.37
CA GLU A 20 11.21 -20.24 20.16
C GLU A 20 11.17 -19.33 21.39
N ASN A 21 10.02 -18.69 21.66
CA ASN A 21 9.80 -17.70 22.75
C ASN A 21 10.81 -16.56 22.64
N ARG A 22 11.09 -16.08 21.43
CA ARG A 22 11.90 -14.85 21.17
C ARG A 22 10.96 -13.73 20.70
N PHE A 23 11.24 -12.49 21.11
CA PHE A 23 10.50 -11.26 20.70
C PHE A 23 11.15 -10.64 19.46
N CYS A 24 10.44 -10.71 18.33
CA CYS A 24 10.84 -10.07 17.05
C CYS A 24 10.95 -8.57 17.23
N SER A 25 9.96 -7.94 17.88
CA SER A 25 9.95 -6.51 18.23
C SER A 25 10.15 -5.69 16.94
N TRP A 26 11.11 -4.76 16.91
CA TRP A 26 11.32 -3.82 15.77
C TRP A 26 12.18 -4.48 14.70
N VAL A 27 12.62 -5.72 14.87
CA VAL A 27 13.30 -6.48 13.78
C VAL A 27 12.24 -6.71 12.70
N ASP A 28 12.57 -6.40 11.45
CA ASP A 28 11.59 -6.31 10.35
C ASP A 28 11.46 -7.66 9.65
N GLN A 29 11.11 -8.70 10.39
CA GLN A 29 10.92 -10.08 9.88
C GLN A 29 9.65 -10.14 9.02
N LYS A 30 9.69 -10.90 7.94
CA LYS A 30 8.55 -11.08 7.00
C LYS A 30 7.57 -12.07 7.64
N LEU A 31 6.33 -12.08 7.16
CA LEU A 31 5.36 -13.15 7.46
C LEU A 31 5.96 -14.49 7.03
N ASN A 32 5.68 -15.55 7.79
CA ASN A 32 5.88 -16.95 7.32
C ASN A 32 4.61 -17.38 6.59
N SER A 33 4.59 -18.60 6.05
CA SER A 33 3.45 -19.14 5.27
CA SER A 33 3.45 -19.11 5.26
C SER A 33 2.18 -19.08 6.13
N GLU A 34 2.30 -19.47 7.40
CA GLU A 34 1.17 -19.44 8.35
C GLU A 34 0.65 -17.98 8.48
N GLY A 35 1.56 -17.01 8.65
CA GLY A 35 1.22 -15.58 8.73
C GLY A 35 0.46 -15.10 7.49
N MET A 36 0.92 -15.48 6.30
CA MET A 36 0.27 -15.08 5.04
C MET A 36 -1.13 -15.69 4.94
N GLU A 37 -1.28 -16.95 5.37
CA GLU A 37 -2.59 -17.65 5.37
C GLU A 37 -3.54 -16.95 6.34
N GLU A 38 -3.07 -16.54 7.52
CA GLU A 38 -3.92 -15.87 8.53
C GLU A 38 -4.46 -14.55 7.94
N ALA A 39 -3.62 -13.80 7.23
CA ALA A 39 -3.99 -12.50 6.62
C ALA A 39 -5.09 -12.77 5.58
N ARG A 40 -4.89 -13.77 4.74
CA ARG A 40 -5.87 -14.14 3.68
C ARG A 40 -7.17 -14.58 4.33
N ASN A 41 -7.10 -15.39 5.39
CA ASN A 41 -8.30 -15.83 6.17
C ASN A 41 -9.09 -14.62 6.65
N CYS A 42 -8.39 -13.64 7.25
CA CYS A 42 -9.02 -12.37 7.71
C CYS A 42 -9.74 -11.69 6.55
N GLY A 43 -9.08 -11.56 5.40
CA GLY A 43 -9.66 -10.88 4.23
C GLY A 43 -10.93 -11.57 3.76
N LYS A 44 -10.89 -12.91 3.67
CA LYS A 44 -12.05 -13.72 3.26
C LYS A 44 -13.18 -13.55 4.28
N GLN A 45 -12.87 -13.58 5.57
CA GLN A 45 -13.87 -13.41 6.65
C GLN A 45 -14.50 -12.01 6.54
N LEU A 46 -13.69 -10.97 6.37
CA LEU A 46 -14.17 -9.57 6.27
C LEU A 46 -15.02 -9.43 4.99
N LYS A 47 -14.66 -10.11 3.90
CA LYS A 47 -15.48 -10.13 2.66
C LYS A 47 -16.83 -10.82 2.92
N ALA A 48 -16.85 -11.96 3.59
CA ALA A 48 -18.10 -12.70 3.92
C ALA A 48 -19.04 -11.78 4.70
N LEU A 49 -18.50 -10.88 5.54
CA LEU A 49 -19.28 -9.92 6.36
C LEU A 49 -19.48 -8.57 5.64
N ASN A 50 -19.05 -8.45 4.38
CA ASN A 50 -19.29 -7.30 3.48
C ASN A 50 -18.70 -6.01 4.07
N PHE A 51 -17.51 -6.08 4.67
CA PHE A 51 -16.80 -4.87 5.15
C PHE A 51 -16.28 -4.07 3.96
N GLU A 52 -16.46 -2.76 4.05
CA GLU A 52 -16.01 -1.78 3.03
C GLU A 52 -15.14 -0.75 3.74
N PHE A 53 -13.83 -0.87 3.63
CA PHE A 53 -12.89 0.05 4.33
C PHE A 53 -12.73 1.31 3.50
N ASP A 54 -12.47 2.42 4.19
CA ASP A 54 -12.21 3.76 3.60
C ASP A 54 -10.75 4.15 3.86
N LEU A 55 -10.09 3.54 4.84
CA LEU A 55 -8.73 3.92 5.25
C LEU A 55 -8.12 2.76 6.02
N VAL A 56 -6.83 2.48 5.80
CA VAL A 56 -6.06 1.46 6.53
C VAL A 56 -4.87 2.11 7.21
N PHE A 57 -4.65 1.78 8.48
CA PHE A 57 -3.46 2.18 9.27
C PHE A 57 -2.64 0.93 9.59
N THR A 58 -1.33 1.02 9.38
CA THR A 58 -0.37 -0.07 9.66
C THR A 58 0.83 0.50 10.43
N SER A 59 1.70 -0.37 10.90
CA SER A 59 3.04 0.03 11.41
C SER A 59 3.97 0.21 10.20
N VAL A 60 5.25 0.50 10.44
CA VAL A 60 6.27 0.54 9.36
C VAL A 60 7.01 -0.78 9.29
N LEU A 61 6.56 -1.80 10.04
CA LEU A 61 7.11 -3.19 9.95
C LEU A 61 6.38 -3.93 8.82
N ASN A 62 7.11 -4.54 7.89
CA ASN A 62 6.54 -5.06 6.62
C ASN A 62 5.48 -6.13 6.91
N ARG A 63 5.56 -6.86 8.03
CA ARG A 63 4.59 -7.94 8.36
C ARG A 63 3.19 -7.35 8.62
N SER A 64 3.09 -6.13 9.16
CA SER A 64 1.79 -5.43 9.35
CA SER A 64 1.78 -5.44 9.35
C SER A 64 1.27 -4.94 7.98
N ILE A 65 2.18 -4.47 7.13
CA ILE A 65 1.86 -3.91 5.80
C ILE A 65 1.40 -5.03 4.87
N HIS A 66 2.15 -6.13 4.80
CA HIS A 66 1.77 -7.32 3.98
C HIS A 66 0.41 -7.84 4.44
N THR A 67 0.17 -7.86 5.76
CA THR A 67 -1.14 -8.32 6.29
C THR A 67 -2.25 -7.46 5.69
N ALA A 68 -2.13 -6.13 5.74
CA ALA A 68 -3.10 -5.18 5.16
C ALA A 68 -3.26 -5.41 3.66
N TRP A 69 -2.15 -5.55 2.93
CA TRP A 69 -2.18 -5.71 1.45
C TRP A 69 -2.96 -6.97 1.07
N LEU A 70 -2.71 -8.06 1.79
CA LEU A 70 -3.36 -9.37 1.53
C LEU A 70 -4.85 -9.22 1.84
N ILE A 71 -5.20 -8.53 2.92
CA ILE A 71 -6.63 -8.29 3.28
C ILE A 71 -7.30 -7.46 2.17
N LEU A 72 -6.68 -6.35 1.75
CA LEU A 72 -7.28 -5.49 0.69
C LEU A 72 -7.44 -6.29 -0.62
N GLU A 73 -6.45 -7.14 -0.96
CA GLU A 73 -6.55 -8.02 -2.16
C GLU A 73 -7.77 -8.93 -2.04
N GLU A 74 -7.96 -9.61 -0.90
CA GLU A 74 -9.10 -10.54 -0.71
C GLU A 74 -10.41 -9.76 -0.79
N LEU A 75 -10.41 -8.48 -0.43
CA LEU A 75 -11.63 -7.62 -0.45
C LEU A 75 -11.85 -6.98 -1.83
N GLY A 76 -10.86 -6.99 -2.73
CA GLY A 76 -10.87 -6.16 -3.95
C GLY A 76 -10.87 -4.69 -3.61
N GLN A 77 -10.20 -4.29 -2.53
CA GLN A 77 -10.18 -2.88 -2.04
C GLN A 77 -8.75 -2.33 -2.05
N GLU A 78 -7.94 -2.70 -3.04
CA GLU A 78 -6.50 -2.34 -3.09
C GLU A 78 -6.34 -0.82 -3.26
N TRP A 79 -7.37 -0.12 -3.76
CA TRP A 79 -7.38 1.35 -3.97
C TRP A 79 -7.54 2.08 -2.62
N VAL A 80 -7.92 1.39 -1.54
CA VAL A 80 -8.17 2.06 -0.24
C VAL A 80 -6.84 2.60 0.28
N PRO A 81 -6.79 3.90 0.66
CA PRO A 81 -5.54 4.50 1.11
C PRO A 81 -4.99 3.79 2.35
N VAL A 82 -3.67 3.63 2.35
CA VAL A 82 -2.90 2.99 3.46
C VAL A 82 -1.96 4.05 4.02
N GLU A 83 -1.92 4.18 5.34
CA GLU A 83 -0.92 5.04 6.04
CA GLU A 83 -0.92 5.03 6.04
C GLU A 83 -0.20 4.16 7.06
N SER A 84 1.11 4.34 7.15
CA SER A 84 2.02 3.53 7.99
C SER A 84 2.72 4.47 8.99
N SER A 85 2.88 4.04 10.23
CA SER A 85 3.55 4.84 11.28
C SER A 85 4.30 3.94 12.26
N TRP A 86 5.50 4.37 12.67
CA TRP A 86 6.29 3.72 13.74
C TRP A 86 5.44 3.65 15.02
N ARG A 87 4.45 4.51 15.16
CA ARG A 87 3.61 4.62 16.38
C ARG A 87 2.63 3.44 16.49
N LEU A 88 2.49 2.64 15.44
CA LEU A 88 1.72 1.37 15.51
C LEU A 88 2.68 0.17 15.62
N ASN A 89 3.99 0.40 15.68
CA ASN A 89 5.02 -0.67 15.79
C ASN A 89 4.78 -1.54 17.02
N GLU A 90 5.17 -2.80 16.92
CA GLU A 90 5.29 -3.72 18.07
C GLU A 90 6.11 -3.01 19.17
N ARG A 91 5.89 -3.43 20.41
CA ARG A 91 6.71 -2.98 21.57
C ARG A 91 8.20 -3.14 21.25
N HIS A 92 9.00 -2.14 21.60
CA HIS A 92 10.48 -2.23 21.57
C HIS A 92 10.96 -2.97 22.82
N TYR A 93 11.42 -4.20 22.67
CA TYR A 93 11.85 -5.06 23.82
C TYR A 93 13.32 -4.79 24.16
N GLY A 94 13.95 -3.78 23.55
CA GLY A 94 15.30 -3.30 23.88
C GLY A 94 16.35 -4.42 23.79
N ALA A 95 17.17 -4.58 24.84
CA ALA A 95 18.29 -5.55 24.91
C ALA A 95 17.76 -6.98 24.80
N LEU A 96 16.50 -7.22 25.16
CA LEU A 96 15.91 -8.58 25.18
C LEU A 96 15.60 -9.09 23.76
N ILE A 97 15.66 -8.24 22.73
CA ILE A 97 15.30 -8.63 21.33
C ILE A 97 16.16 -9.82 20.92
N GLY A 98 15.52 -10.92 20.49
CA GLY A 98 16.20 -12.11 19.93
C GLY A 98 16.62 -13.14 20.98
N LEU A 99 16.46 -12.84 22.27
CA LEU A 99 16.76 -13.78 23.39
C LEU A 99 15.51 -14.63 23.67
N ASN A 100 15.69 -15.90 24.00
CA ASN A 100 14.60 -16.73 24.60
C ASN A 100 14.53 -16.43 26.10
N ARG A 101 13.58 -17.06 26.80
CA ARG A 101 13.28 -16.85 28.25
C ARG A 101 14.55 -17.13 29.07
N GLU A 102 15.15 -18.31 28.85
CA GLU A 102 16.38 -18.80 29.54
C GLU A 102 17.47 -17.73 29.46
N GLN A 103 17.78 -17.25 28.25
CA GLN A 103 18.91 -16.33 27.99
C GLN A 103 18.69 -15.00 28.73
N MET A 104 17.45 -14.52 28.75
CA MET A 104 17.08 -13.23 29.39
C MET A 104 17.38 -13.30 30.89
N ALA A 105 16.91 -14.38 31.54
CA ALA A 105 17.04 -14.62 33.00
C ALA A 105 18.52 -14.65 33.40
N LEU A 106 19.36 -15.35 32.61
CA LEU A 106 20.83 -15.44 32.82
C LEU A 106 21.48 -14.05 32.76
N ASN A 107 21.09 -13.23 31.77
CA ASN A 107 21.82 -12.00 31.41
C ASN A 107 21.46 -10.84 32.37
N HIS A 108 20.22 -10.81 32.89
CA HIS A 108 19.65 -9.61 33.56
C HIS A 108 19.08 -9.88 34.96
N GLY A 109 18.76 -11.14 35.27
CA GLY A 109 18.22 -11.55 36.58
C GLY A 109 16.77 -11.99 36.44
N GLU A 110 16.40 -13.09 37.12
CA GLU A 110 15.06 -13.74 37.05
C GLU A 110 13.94 -12.76 37.44
N GLU A 111 14.16 -11.91 38.46
CA GLU A 111 13.15 -10.93 38.97
C GLU A 111 12.78 -9.95 37.86
N GLN A 112 13.77 -9.14 37.44
CA GLN A 112 13.67 -8.08 36.41
C GLN A 112 12.89 -8.60 35.20
N VAL A 113 13.14 -9.86 34.80
CA VAL A 113 12.63 -10.49 33.54
C VAL A 113 11.11 -10.65 33.60
N ARG A 114 10.56 -11.04 34.76
CA ARG A 114 9.09 -11.23 34.93
C ARG A 114 8.38 -9.91 34.65
N LEU A 115 8.82 -8.86 35.35
CA LEU A 115 8.32 -7.46 35.22
C LEU A 115 8.35 -7.07 33.72
N TRP A 116 9.51 -7.12 33.08
CA TRP A 116 9.75 -6.72 31.68
C TRP A 116 8.76 -7.38 30.70
N ARG A 117 8.45 -8.66 30.91
CA ARG A 117 7.54 -9.43 30.02
C ARG A 117 6.07 -9.17 30.40
N ARG A 118 5.74 -9.16 31.71
CA ARG A 118 4.34 -9.28 32.21
C ARG A 118 3.81 -7.96 32.81
N SER A 119 4.66 -7.02 33.27
CA SER A 119 4.21 -5.77 33.91
C SER A 119 3.66 -4.79 32.86
N TYR A 120 2.94 -3.76 33.30
CA TYR A 120 2.42 -2.69 32.42
C TYR A 120 3.48 -1.59 32.23
N ASN A 121 4.22 -1.26 33.29
CA ASN A 121 4.99 0.01 33.34
C ASN A 121 6.47 -0.20 33.63
N VAL A 122 7.01 -1.41 33.58
CA VAL A 122 8.49 -1.61 33.75
C VAL A 122 9.14 -1.72 32.36
N THR A 123 10.01 -0.76 32.04
CA THR A 123 10.71 -0.64 30.73
C THR A 123 11.93 -1.56 30.71
N PRO A 124 12.06 -2.46 29.71
CA PRO A 124 13.25 -3.28 29.57
C PRO A 124 14.50 -2.43 29.38
N PRO A 125 15.72 -2.98 29.56
CA PRO A 125 16.94 -2.22 29.34
C PRO A 125 17.00 -1.78 27.87
N PRO A 126 17.51 -0.56 27.58
CA PRO A 126 17.63 -0.11 26.20
C PRO A 126 18.55 -1.01 25.39
N ILE A 127 18.21 -1.18 24.11
CA ILE A 127 19.12 -1.84 23.13
C ILE A 127 20.35 -0.94 22.97
N GLU A 128 21.54 -1.52 22.97
CA GLU A 128 22.82 -0.80 22.83
C GLU A 128 23.46 -1.18 21.49
N GLU A 129 24.46 -0.42 21.06
CA GLU A 129 25.11 -0.54 19.72
C GLU A 129 25.77 -1.92 19.57
N SER A 130 26.11 -2.57 20.68
CA SER A 130 26.77 -3.91 20.71
C SER A 130 25.76 -5.00 20.38
N HIS A 131 24.46 -4.73 20.57
CA HIS A 131 23.37 -5.71 20.31
C HIS A 131 23.40 -6.14 18.85
N PRO A 132 23.30 -7.45 18.53
CA PRO A 132 23.40 -7.91 17.15
C PRO A 132 22.33 -7.33 16.19
N TYR A 133 21.23 -6.80 16.71
CA TYR A 133 20.07 -6.31 15.91
C TYR A 133 19.97 -4.79 15.96
N TYR A 134 20.93 -4.11 16.60
CA TYR A 134 20.92 -2.63 16.74
C TYR A 134 21.05 -1.95 15.36
N GLN A 135 22.04 -2.34 14.56
CA GLN A 135 22.37 -1.65 13.27
C GLN A 135 21.18 -1.80 12.31
N GLU A 136 20.65 -3.03 12.21
CA GLU A 136 19.53 -3.46 11.34
C GLU A 136 18.29 -2.60 11.60
N ILE A 137 18.11 -2.13 12.84
CA ILE A 137 17.00 -1.22 13.22
C ILE A 137 17.41 0.22 12.91
N TYR A 138 18.46 0.76 13.54
CA TYR A 138 18.71 2.23 13.61
C TYR A 138 19.43 2.75 12.35
N ASN A 139 19.96 1.89 11.48
CA ASN A 139 20.55 2.35 10.19
CA ASN A 139 20.55 2.33 10.18
C ASN A 139 19.50 2.21 9.07
N ASP A 140 18.29 1.74 9.40
CA ASP A 140 17.19 1.60 8.40
C ASP A 140 16.58 2.98 8.12
N ARG A 141 16.57 3.42 6.87
CA ARG A 141 16.20 4.83 6.54
C ARG A 141 14.71 5.06 6.76
N ARG A 142 13.89 4.03 7.02
CA ARG A 142 12.46 4.26 7.39
C ARG A 142 12.40 5.09 8.68
N TYR A 143 13.44 5.02 9.54
CA TYR A 143 13.46 5.70 10.86
C TYR A 143 14.12 7.09 10.76
N LYS A 144 14.53 7.52 9.55
CA LYS A 144 15.05 8.89 9.29
C LYS A 144 13.91 9.84 8.90
N VAL A 145 12.72 9.34 8.59
CA VAL A 145 11.59 10.17 8.08
C VAL A 145 10.34 9.94 8.94
N CYS A 146 10.52 9.66 10.24
CA CYS A 146 9.42 9.61 11.24
C CYS A 146 9.04 11.03 11.66
N ASP A 147 7.96 11.17 12.44
CA ASP A 147 7.45 12.48 12.93
C ASP A 147 8.31 12.97 14.11
N VAL A 148 9.32 12.19 14.51
CA VAL A 148 10.37 12.59 15.47
C VAL A 148 11.71 12.14 14.90
N PRO A 149 12.82 12.83 15.23
CA PRO A 149 14.14 12.45 14.73
C PRO A 149 14.55 11.03 15.17
N LEU A 150 15.45 10.40 14.40
CA LEU A 150 16.00 9.05 14.65
C LEU A 150 16.42 8.91 16.11
N ASP A 151 17.16 9.88 16.63
CA ASP A 151 17.77 9.83 17.99
C ASP A 151 16.70 10.04 19.07
N GLN A 152 15.48 10.49 18.70
CA GLN A 152 14.33 10.64 19.66
C GLN A 152 13.48 9.35 19.71
N LEU A 153 13.66 8.41 18.78
CA LEU A 153 12.92 7.12 18.80
C LEU A 153 13.37 6.31 20.02
N PRO A 154 12.47 5.48 20.60
CA PRO A 154 12.80 4.70 21.79
C PRO A 154 13.87 3.64 21.51
N ARG A 155 14.64 3.28 22.54
CA ARG A 155 15.59 2.13 22.52
C ARG A 155 15.00 0.97 23.34
N SER A 156 13.86 1.19 24.01
CA SER A 156 13.11 0.15 24.78
C SER A 156 11.81 0.76 25.28
N GLU A 157 10.83 -0.09 25.55
CA GLU A 157 9.45 0.34 25.87
C GLU A 157 8.78 -0.66 26.82
N SER A 158 8.12 -0.15 27.85
CA SER A 158 7.07 -0.85 28.62
C SER A 158 5.80 -0.82 27.77
N LEU A 159 4.78 -1.60 28.14
CA LEU A 159 3.46 -1.51 27.47
C LEU A 159 2.92 -0.09 27.66
N LYS A 160 3.18 0.54 28.80
CA LYS A 160 2.77 1.93 29.09
C LYS A 160 3.42 2.86 28.07
N ASP A 161 4.72 2.70 27.82
CA ASP A 161 5.48 3.50 26.82
C ASP A 161 4.81 3.34 25.44
N VAL A 162 4.38 2.13 25.09
CA VAL A 162 3.74 1.86 23.78
C VAL A 162 2.48 2.73 23.69
N LEU A 163 1.61 2.66 24.69
CA LEU A 163 0.36 3.47 24.70
C LEU A 163 0.70 4.95 24.55
N GLU A 164 1.76 5.43 25.22
CA GLU A 164 2.10 6.88 25.26
C GLU A 164 2.61 7.35 23.88
N ARG A 165 3.26 6.52 23.07
CA ARG A 165 3.65 6.96 21.69
C ARG A 165 2.55 6.60 20.66
N LEU A 166 1.57 5.77 21.00
CA LEU A 166 0.46 5.37 20.09
C LEU A 166 -0.68 6.38 20.21
N LEU A 167 -1.00 6.84 21.43
CA LEU A 167 -2.16 7.72 21.71
C LEU A 167 -2.13 8.97 20.81
N PRO A 168 -0.99 9.66 20.64
CA PRO A 168 -0.92 10.82 19.75
C PRO A 168 -1.33 10.51 18.31
N TYR A 169 -0.99 9.32 17.80
CA TYR A 169 -1.39 8.89 16.43
C TYR A 169 -2.90 8.64 16.38
N TRP A 170 -3.44 7.95 17.39
CA TRP A 170 -4.90 7.74 17.53
C TRP A 170 -5.61 9.11 17.54
N ASN A 171 -5.18 10.00 18.42
CA ASN A 171 -5.88 11.29 18.69
C ASN A 171 -5.80 12.19 17.46
N GLU A 172 -4.63 12.28 16.82
CA GLU A 172 -4.33 13.31 15.78
C GLU A 172 -4.69 12.79 14.38
N ARG A 173 -4.52 11.49 14.12
CA ARG A 173 -4.61 10.95 12.75
C ARG A 173 -5.84 10.03 12.58
N ILE A 174 -6.05 9.06 13.48
CA ILE A 174 -7.08 7.99 13.26
C ILE A 174 -8.45 8.48 13.74
N ALA A 175 -8.55 9.01 14.95
CA ALA A 175 -9.82 9.38 15.60
C ALA A 175 -10.61 10.35 14.72
N PRO A 176 -10.00 11.40 14.10
CA PRO A 176 -10.74 12.31 13.23
C PRO A 176 -11.46 11.61 12.08
N GLU A 177 -10.80 10.58 11.49
CA GLU A 177 -11.35 9.84 10.35
C GLU A 177 -12.54 8.99 10.84
N VAL A 178 -12.42 8.39 12.02
CA VAL A 178 -13.55 7.63 12.63
C VAL A 178 -14.73 8.60 12.82
N LEU A 179 -14.48 9.81 13.32
CA LEU A 179 -15.55 10.81 13.57
C LEU A 179 -16.17 11.27 12.26
N ARG A 180 -15.44 11.21 11.13
CA ARG A 180 -15.95 11.54 9.78
C ARG A 180 -16.90 10.45 9.28
N GLY A 181 -16.98 9.29 9.95
CA GLY A 181 -17.86 8.17 9.56
C GLY A 181 -17.16 7.19 8.64
N LYS A 182 -15.82 7.28 8.51
CA LYS A 182 -15.03 6.31 7.70
C LYS A 182 -14.89 4.99 8.44
N THR A 183 -14.94 3.88 7.71
CA THR A 183 -14.67 2.51 8.24
C THR A 183 -13.16 2.25 8.13
N ILE A 184 -12.50 2.15 9.28
CA ILE A 184 -11.02 2.03 9.41
C ILE A 184 -10.64 0.57 9.71
N LEU A 185 -9.57 0.09 9.06
CA LEU A 185 -8.85 -1.14 9.43
C LEU A 185 -7.50 -0.75 10.05
N ILE A 186 -7.18 -1.29 11.22
CA ILE A 186 -5.84 -1.13 11.83
C ILE A 186 -5.14 -2.49 11.77
N SER A 187 -4.04 -2.57 11.03
CA SER A 187 -3.16 -3.76 10.94
C SER A 187 -2.01 -3.55 11.91
N ALA A 188 -2.06 -4.20 13.07
CA ALA A 188 -1.16 -3.87 14.20
C ALA A 188 -0.44 -5.13 14.70
N HIS A 189 0.17 -5.04 15.88
CA HIS A 189 0.99 -6.09 16.49
C HIS A 189 0.39 -6.42 17.86
N GLY A 190 0.99 -7.37 18.59
CA GLY A 190 0.50 -7.79 19.91
C GLY A 190 0.35 -6.63 20.88
N ASN A 191 1.43 -5.87 21.08
CA ASN A 191 1.47 -4.79 22.11
C ASN A 191 0.73 -3.54 21.63
N SER A 192 0.81 -3.19 20.34
CA SER A 192 0.16 -1.97 19.80
C SER A 192 -1.36 -2.16 19.82
N SER A 193 -1.86 -3.33 19.46
CA SER A 193 -3.31 -3.65 19.55
CA SER A 193 -3.31 -3.66 19.55
C SER A 193 -3.76 -3.62 21.03
N ARG A 194 -2.97 -4.20 21.93
CA ARG A 194 -3.28 -4.27 23.39
C ARG A 194 -3.34 -2.84 23.95
N ALA A 195 -2.38 -1.99 23.58
CA ALA A 195 -2.32 -0.58 24.06
C ALA A 195 -3.56 0.21 23.62
N LEU A 196 -3.95 0.13 22.35
CA LEU A 196 -5.14 0.87 21.84
C LEU A 196 -6.40 0.36 22.54
N LEU A 197 -6.54 -0.95 22.70
CA LEU A 197 -7.71 -1.54 23.39
C LEU A 197 -7.76 -1.05 24.84
N LYS A 198 -6.63 -1.02 25.54
CA LYS A 198 -6.56 -0.50 26.93
C LYS A 198 -7.20 0.90 26.95
N HIS A 199 -6.76 1.77 26.04
CA HIS A 199 -7.27 3.15 25.92
C HIS A 199 -8.78 3.16 25.63
N LEU A 200 -9.24 2.49 24.57
CA LEU A 200 -10.63 2.63 24.08
C LEU A 200 -11.62 1.97 25.06
N GLU A 201 -11.18 0.96 25.81
CA GLU A 201 -12.08 0.18 26.70
C GLU A 201 -11.88 0.59 28.16
N GLY A 202 -10.94 1.49 28.45
CA GLY A 202 -10.60 1.92 29.81
C GLY A 202 -10.22 0.75 30.69
N ILE A 203 -9.39 -0.15 30.17
CA ILE A 203 -8.93 -1.36 30.91
C ILE A 203 -7.84 -0.92 31.88
N SER A 204 -7.81 -1.49 33.07
CA SER A 204 -6.89 -1.10 34.15
C SER A 204 -5.46 -1.57 33.81
N ASP A 205 -4.47 -0.95 34.43
CA ASP A 205 -3.04 -1.38 34.37
C ASP A 205 -2.92 -2.86 34.76
N GLU A 206 -3.74 -3.32 35.71
CA GLU A 206 -3.70 -4.70 36.25
CA GLU A 206 -3.71 -4.71 36.25
C GLU A 206 -4.33 -5.68 35.23
N ASP A 207 -5.48 -5.32 34.67
CA ASP A 207 -6.28 -6.25 33.82
C ASP A 207 -5.69 -6.37 32.42
N ILE A 208 -4.93 -5.38 31.94
CA ILE A 208 -4.54 -5.33 30.49
C ILE A 208 -3.59 -6.48 30.16
N ILE A 209 -2.76 -6.87 31.13
CA ILE A 209 -1.73 -7.95 31.04
C ILE A 209 -2.38 -9.28 30.65
N ASN A 210 -3.64 -9.51 31.04
CA ASN A 210 -4.28 -10.84 30.98
C ASN A 210 -5.20 -10.97 29.76
N ILE A 211 -5.55 -9.90 29.05
CA ILE A 211 -6.60 -10.03 27.99
C ILE A 211 -6.01 -10.86 26.83
N THR A 212 -6.86 -11.65 26.16
CA THR A 212 -6.48 -12.56 25.05
C THR A 212 -6.60 -11.82 23.72
N LEU A 213 -5.52 -11.77 22.94
CA LEU A 213 -5.50 -11.12 21.61
C LEU A 213 -5.04 -12.11 20.54
N PRO A 214 -5.97 -12.90 19.98
CA PRO A 214 -5.61 -13.89 18.96
C PRO A 214 -5.16 -13.20 17.67
N THR A 215 -4.23 -13.81 16.95
CA THR A 215 -3.74 -13.34 15.63
C THR A 215 -4.68 -13.84 14.53
N GLY A 216 -4.76 -13.12 13.40
CA GLY A 216 -5.52 -13.54 12.20
C GLY A 216 -7.02 -13.56 12.43
N VAL A 217 -7.49 -12.82 13.44
CA VAL A 217 -8.93 -12.68 13.80
C VAL A 217 -9.26 -11.19 13.77
N PRO A 218 -10.31 -10.79 13.01
CA PRO A 218 -10.84 -9.43 13.05
C PRO A 218 -11.41 -9.11 14.44
N ILE A 219 -10.93 -8.01 15.02
CA ILE A 219 -11.43 -7.49 16.33
C ILE A 219 -12.32 -6.29 16.05
N LEU A 220 -13.61 -6.42 16.32
CA LEU A 220 -14.60 -5.35 16.10
C LEU A 220 -14.70 -4.50 17.37
N LEU A 221 -14.54 -3.19 17.23
CA LEU A 221 -14.80 -2.19 18.31
C LEU A 221 -16.02 -1.36 17.90
N GLU A 222 -17.07 -1.38 18.71
CA GLU A 222 -18.22 -0.44 18.59
C GLU A 222 -17.94 0.72 19.54
N LEU A 223 -17.91 1.95 19.00
CA LEU A 223 -17.49 3.17 19.74
C LEU A 223 -18.66 4.15 19.79
N ASP A 224 -18.80 4.88 20.90
CA ASP A 224 -19.84 5.92 21.11
C ASP A 224 -19.32 7.26 20.57
N GLU A 225 -20.06 8.34 20.84
CA GLU A 225 -19.76 9.71 20.35
C GLU A 225 -18.44 10.20 20.94
N ASN A 226 -17.97 9.61 22.04
CA ASN A 226 -16.68 10.01 22.68
C ASN A 226 -15.56 9.07 22.22
N LEU A 227 -15.84 8.18 21.26
CA LEU A 227 -14.90 7.16 20.76
C LEU A 227 -14.49 6.23 21.91
N ARG A 228 -15.41 5.95 22.83
CA ARG A 228 -15.24 4.95 23.92
C ARG A 228 -16.00 3.70 23.51
N ALA A 229 -15.41 2.53 23.77
CA ALA A 229 -15.99 1.21 23.46
C ALA A 229 -17.35 1.07 24.16
N VAL A 230 -18.36 0.63 23.41
CA VAL A 230 -19.69 0.17 23.91
C VAL A 230 -19.63 -1.35 23.96
N GLY A 231 -19.47 -1.90 25.16
CA GLY A 231 -19.21 -3.33 25.40
C GLY A 231 -17.75 -3.67 25.12
N PRO A 232 -17.32 -4.91 25.38
CA PRO A 232 -15.95 -5.32 25.09
C PRO A 232 -15.78 -5.47 23.57
N HIS A 233 -14.54 -5.49 23.11
CA HIS A 233 -14.19 -5.84 21.71
C HIS A 233 -14.76 -7.23 21.38
N GLN A 234 -15.07 -7.47 20.11
CA GLN A 234 -15.71 -8.72 19.62
C GLN A 234 -14.84 -9.36 18.55
N PHE A 235 -14.61 -10.66 18.68
CA PHE A 235 -13.88 -11.48 17.69
C PHE A 235 -14.89 -11.89 16.62
N LEU A 236 -14.62 -11.59 15.34
CA LEU A 236 -15.50 -11.95 14.22
C LEU A 236 -15.03 -13.28 13.61
N GLY A 237 -15.98 -14.10 13.15
CA GLY A 237 -15.73 -15.36 12.43
C GLY A 237 -16.24 -16.56 13.20
N ASP A 238 -15.76 -17.75 12.84
CA ASP A 238 -16.18 -19.05 13.41
C ASP A 238 -15.56 -19.23 14.81
N GLN A 239 -16.39 -19.51 15.81
CA GLN A 239 -16.00 -19.64 17.25
C GLN A 239 -14.95 -20.74 17.43
N GLU A 240 -15.00 -21.79 16.63
CA GLU A 240 -14.02 -22.91 16.68
C GLU A 240 -12.64 -22.34 16.35
N ALA A 241 -12.50 -21.69 15.18
CA ALA A 241 -11.25 -21.08 14.70
C ALA A 241 -10.75 -20.05 15.73
N ILE A 242 -11.65 -19.23 16.27
CA ILE A 242 -11.29 -18.18 17.28
C ILE A 242 -10.70 -18.86 18.52
N GLN A 243 -11.36 -19.89 19.04
CA GLN A 243 -10.90 -20.64 20.25
C GLN A 243 -9.49 -21.21 19.98
N ALA A 244 -9.26 -21.68 18.76
CA ALA A 244 -7.93 -22.19 18.33
C ALA A 244 -6.90 -21.06 18.40
N ALA A 245 -7.24 -19.88 17.85
CA ALA A 245 -6.32 -18.73 17.81
C ALA A 245 -6.02 -18.25 19.24
N ILE A 246 -7.01 -18.30 20.12
CA ILE A 246 -6.88 -17.90 21.55
C ILE A 246 -5.87 -18.83 22.25
N LYS A 247 -5.98 -20.14 21.99
CA LYS A 247 -5.05 -21.15 22.57
C LYS A 247 -3.62 -20.84 22.13
N LYS A 248 -3.42 -20.47 20.86
CA LYS A 248 -2.07 -20.23 20.29
C LYS A 248 -1.37 -19.06 21.00
N VAL A 249 -2.11 -18.05 21.49
CA VAL A 249 -1.51 -16.84 22.14
C VAL A 249 -1.50 -16.99 23.66
N GLU A 250 -2.13 -18.03 24.22
CA GLU A 250 -2.10 -18.39 25.67
C GLU A 250 -0.68 -18.32 26.23
N ASP A 251 -0.52 -17.80 27.44
CA ASP A 251 0.76 -17.78 28.21
C ASP A 251 0.51 -18.38 29.60
N MET B 2 20.39 22.24 -16.19
CA MET B 2 21.23 21.04 -15.95
C MET B 2 20.47 20.04 -15.06
N SER B 3 20.84 18.76 -15.13
CA SER B 3 20.16 17.63 -14.44
C SER B 3 20.29 17.83 -12.92
N LYS B 4 19.16 17.86 -12.21
CA LYS B 4 19.09 18.11 -10.74
C LYS B 4 18.28 17.02 -10.03
N TYR B 5 17.24 16.48 -10.67
CA TYR B 5 16.29 15.50 -10.08
C TYR B 5 16.17 14.27 -10.97
N LYS B 6 15.92 13.11 -10.37
CA LYS B 6 15.65 11.84 -11.07
C LYS B 6 14.27 11.35 -10.66
N LEU B 7 13.46 10.99 -11.64
CA LEU B 7 12.09 10.46 -11.48
C LEU B 7 12.06 9.10 -12.18
N ILE B 8 11.45 8.08 -11.55
CA ILE B 8 11.25 6.75 -12.19
C ILE B 8 9.77 6.53 -12.44
N MET B 9 9.45 6.08 -13.65
CA MET B 9 8.09 5.69 -14.02
C MET B 9 8.15 4.31 -14.69
N LEU B 10 7.04 3.58 -14.66
CA LEU B 10 6.92 2.34 -15.46
C LEU B 10 5.44 2.08 -15.73
N ARG B 11 5.19 1.19 -16.67
CA ARG B 11 3.82 0.70 -16.94
C ARG B 11 3.81 -0.80 -16.58
N HIS B 12 2.68 -1.26 -16.07
CA HIS B 12 2.46 -2.67 -15.67
C HIS B 12 2.53 -3.56 -16.91
N GLY B 13 2.81 -4.84 -16.71
CA GLY B 13 2.67 -5.86 -17.76
C GLY B 13 1.25 -5.92 -18.26
N GLU B 14 1.05 -6.01 -19.57
CA GLU B 14 -0.30 -6.01 -20.20
C GLU B 14 -0.91 -7.41 -20.07
N GLY B 15 -2.20 -7.52 -20.39
CA GLY B 15 -3.02 -8.71 -20.10
C GLY B 15 -3.49 -9.42 -21.36
N ALA B 16 -4.46 -10.32 -21.20
CA ALA B 16 -5.04 -11.15 -22.28
C ALA B 16 -5.71 -10.23 -23.31
N TRP B 17 -6.58 -9.33 -22.84
CA TRP B 17 -7.32 -8.36 -23.71
C TRP B 17 -6.35 -7.68 -24.67
N ASN B 18 -5.18 -7.28 -24.19
CA ASN B 18 -4.16 -6.56 -25.01
C ASN B 18 -3.71 -7.46 -26.17
N LYS B 19 -3.57 -8.77 -25.96
CA LYS B 19 -3.19 -9.73 -27.02
C LYS B 19 -4.33 -9.84 -28.05
N GLU B 20 -5.58 -9.71 -27.60
CA GLU B 20 -6.81 -9.74 -28.44
C GLU B 20 -7.09 -8.36 -29.07
N ASN B 21 -6.19 -7.38 -28.88
CA ASN B 21 -6.35 -5.96 -29.29
C ASN B 21 -7.66 -5.39 -28.72
N ARG B 22 -7.98 -5.71 -27.45
CA ARG B 22 -9.06 -5.06 -26.67
C ARG B 22 -8.41 -4.12 -25.64
N PHE B 23 -9.07 -2.99 -25.39
CA PHE B 23 -8.62 -1.95 -24.41
C PHE B 23 -9.31 -2.21 -23.07
N CYS B 24 -8.51 -2.63 -22.08
CA CYS B 24 -8.98 -2.83 -20.69
C CYS B 24 -9.49 -1.50 -20.14
N SER B 25 -8.72 -0.43 -20.34
CA SER B 25 -9.10 0.96 -19.97
C SER B 25 -9.43 0.99 -18.47
N TRP B 26 -10.59 1.52 -18.08
CA TRP B 26 -10.97 1.70 -16.66
C TRP B 26 -11.58 0.41 -16.07
N VAL B 27 -11.71 -0.66 -16.86
CA VAL B 27 -12.10 -2.00 -16.31
C VAL B 27 -10.96 -2.45 -15.40
N ASP B 28 -11.29 -2.87 -14.18
CA ASP B 28 -10.30 -3.07 -13.09
C ASP B 28 -9.80 -4.52 -13.12
N GLN B 29 -9.26 -4.95 -14.25
CA GLN B 29 -8.69 -6.32 -14.43
C GLN B 29 -7.41 -6.44 -13.61
N LYS B 30 -7.20 -7.60 -13.00
CA LYS B 30 -5.99 -7.93 -12.23
C LYS B 30 -4.87 -8.23 -13.23
N LEU B 31 -3.62 -8.10 -12.78
CA LEU B 31 -2.44 -8.64 -13.50
C LEU B 31 -2.69 -10.12 -13.78
N ASN B 32 -2.20 -10.59 -14.91
CA ASN B 32 -2.06 -12.05 -15.18
C ASN B 32 -0.71 -12.48 -14.62
N SER B 33 -0.40 -13.78 -14.70
CA SER B 33 0.86 -14.37 -14.19
CA SER B 33 0.86 -14.36 -14.18
C SER B 33 2.05 -13.62 -14.78
N GLU B 34 2.01 -13.39 -16.10
CA GLU B 34 3.09 -12.65 -16.82
C GLU B 34 3.24 -11.24 -16.22
N GLY B 35 2.13 -10.53 -16.00
CA GLY B 35 2.13 -9.18 -15.40
C GLY B 35 2.78 -9.17 -14.01
N MET B 36 2.46 -10.16 -13.19
CA MET B 36 3.02 -10.26 -11.81
C MET B 36 4.52 -10.51 -11.89
N GLU B 37 4.96 -11.38 -12.82
CA GLU B 37 6.40 -11.67 -13.02
C GLU B 37 7.14 -10.40 -13.47
N GLU B 38 6.54 -9.63 -14.38
CA GLU B 38 7.17 -8.38 -14.89
C GLU B 38 7.42 -7.42 -13.73
N ALA B 39 6.45 -7.28 -12.83
CA ALA B 39 6.53 -6.37 -11.67
C ALA B 39 7.69 -6.82 -10.77
N ARG B 40 7.77 -8.13 -10.50
CA ARG B 40 8.85 -8.69 -9.66
C ARG B 40 10.21 -8.44 -10.33
N ASN B 41 10.30 -8.70 -11.64
CA ASN B 41 11.60 -8.56 -12.35
C ASN B 41 12.01 -7.07 -12.38
N CYS B 42 11.05 -6.15 -12.50
CA CYS B 42 11.31 -4.70 -12.39
C CYS B 42 11.90 -4.37 -11.01
N GLY B 43 11.29 -4.89 -9.94
CA GLY B 43 11.77 -4.68 -8.57
C GLY B 43 13.18 -5.18 -8.39
N LYS B 44 13.48 -6.38 -8.90
CA LYS B 44 14.84 -6.97 -8.85
C LYS B 44 15.83 -6.09 -9.60
N GLN B 45 15.44 -5.59 -10.77
CA GLN B 45 16.30 -4.66 -11.56
C GLN B 45 16.56 -3.37 -10.76
N LEU B 46 15.52 -2.77 -10.17
CA LEU B 46 15.65 -1.53 -9.36
C LEU B 46 16.53 -1.79 -8.14
N LYS B 47 16.42 -2.98 -7.53
CA LYS B 47 17.30 -3.38 -6.40
C LYS B 47 18.75 -3.47 -6.88
N ALA B 48 19.02 -4.12 -8.02
CA ALA B 48 20.38 -4.26 -8.59
C ALA B 48 21.00 -2.86 -8.79
N LEU B 49 20.19 -1.85 -9.11
CA LEU B 49 20.62 -0.43 -9.32
C LEU B 49 20.53 0.40 -8.04
N ASN B 50 20.20 -0.22 -6.89
CA ASN B 50 20.25 0.38 -5.53
C ASN B 50 19.30 1.58 -5.43
N PHE B 51 18.12 1.52 -6.05
CA PHE B 51 17.11 2.59 -5.93
C PHE B 51 16.49 2.56 -4.53
N GLU B 52 16.33 3.74 -3.96
CA GLU B 52 15.70 4.00 -2.64
C GLU B 52 14.58 5.02 -2.85
N PHE B 53 13.34 4.56 -2.94
CA PHE B 53 12.17 5.45 -3.18
C PHE B 53 11.75 6.06 -1.84
N ASP B 54 11.18 7.26 -1.93
CA ASP B 54 10.62 8.04 -0.79
C ASP B 54 9.10 8.09 -0.89
N LEU B 55 8.53 7.86 -2.07
CA LEU B 55 7.09 8.07 -2.35
C LEU B 55 6.75 7.32 -3.64
N VAL B 56 5.60 6.68 -3.66
CA VAL B 56 5.07 5.96 -4.85
C VAL B 56 3.71 6.54 -5.22
N PHE B 57 3.50 6.84 -6.49
CA PHE B 57 2.19 7.26 -7.05
C PHE B 57 1.67 6.18 -7.97
N THR B 58 0.41 5.83 -7.84
CA THR B 58 -0.28 4.79 -8.66
C THR B 58 -1.62 5.33 -9.13
N SER B 59 -2.29 4.60 -10.01
CA SER B 59 -3.70 4.84 -10.37
C SER B 59 -4.58 4.19 -9.29
N VAL B 60 -5.90 4.24 -9.46
CA VAL B 60 -6.83 3.52 -8.55
C VAL B 60 -7.21 2.18 -9.17
N LEU B 61 -6.58 1.79 -10.28
CA LEU B 61 -6.76 0.46 -10.91
C LEU B 61 -5.78 -0.52 -10.24
N ASN B 62 -6.28 -1.67 -9.79
CA ASN B 62 -5.53 -2.58 -8.89
C ASN B 62 -4.25 -3.08 -9.59
N ARG B 63 -4.21 -3.14 -10.92
CA ARG B 63 -3.00 -3.66 -11.64
C ARG B 63 -1.81 -2.71 -11.47
N SER B 64 -2.04 -1.40 -11.35
CA SER B 64 -0.97 -0.41 -11.08
CA SER B 64 -0.99 -0.38 -11.07
C SER B 64 -0.51 -0.54 -9.62
N ILE B 65 -1.46 -0.78 -8.71
CA ILE B 65 -1.22 -0.89 -7.25
C ILE B 65 -0.44 -2.17 -6.97
N HIS B 66 -0.88 -3.30 -7.51
CA HIS B 66 -0.18 -4.60 -7.34
C HIS B 66 1.23 -4.52 -7.91
N THR B 67 1.41 -3.81 -9.04
CA THR B 67 2.74 -3.63 -9.66
C THR B 67 3.65 -2.93 -8.64
N ALA B 68 3.17 -1.83 -8.03
CA ALA B 68 3.95 -1.07 -7.01
C ALA B 68 4.25 -1.97 -5.80
N TRP B 69 3.27 -2.70 -5.31
CA TRP B 69 3.40 -3.55 -4.09
C TRP B 69 4.49 -4.60 -4.32
N LEU B 70 4.46 -5.24 -5.49
CA LEU B 70 5.43 -6.31 -5.84
C LEU B 70 6.83 -5.70 -5.94
N ILE B 71 6.94 -4.50 -6.52
CA ILE B 71 8.24 -3.78 -6.63
C ILE B 71 8.75 -3.45 -5.22
N LEU B 72 7.90 -2.86 -4.36
CA LEU B 72 8.31 -2.47 -2.98
C LEU B 72 8.74 -3.74 -2.22
N GLU B 73 8.03 -4.86 -2.38
CA GLU B 73 8.40 -6.14 -1.73
C GLU B 73 9.82 -6.57 -2.18
N GLU B 74 10.10 -6.54 -3.48
CA GLU B 74 11.43 -6.95 -4.01
C GLU B 74 12.51 -6.00 -3.49
N LEU B 75 12.16 -4.74 -3.21
CA LEU B 75 13.10 -3.71 -2.71
C LEU B 75 13.23 -3.74 -1.18
N GLY B 76 12.35 -4.45 -0.47
CA GLY B 76 12.22 -4.31 0.99
C GLY B 76 11.82 -2.91 1.40
N GLN B 77 11.00 -2.23 0.59
CA GLN B 77 10.61 -0.82 0.79
C GLN B 77 9.09 -0.72 0.98
N GLU B 78 8.47 -1.71 1.63
CA GLU B 78 6.99 -1.80 1.77
C GLU B 78 6.48 -0.63 2.64
N TRP B 79 7.36 -0.01 3.44
CA TRP B 79 7.02 1.13 4.32
C TRP B 79 6.90 2.43 3.51
N VAL B 80 7.37 2.45 2.27
CA VAL B 80 7.37 3.70 1.46
C VAL B 80 5.93 4.08 1.15
N PRO B 81 5.51 5.33 1.45
CA PRO B 81 4.12 5.74 1.27
C PRO B 81 3.67 5.62 -0.19
N VAL B 82 2.46 5.12 -0.37
CA VAL B 82 1.79 4.97 -1.67
C VAL B 82 0.59 5.91 -1.71
N GLU B 83 0.47 6.69 -2.78
CA GLU B 83 -0.76 7.49 -3.03
CA GLU B 83 -0.74 7.52 -3.05
C GLU B 83 -1.32 7.10 -4.40
N SER B 84 -2.63 6.94 -4.46
CA SER B 84 -3.36 6.46 -5.65
C SER B 84 -4.33 7.55 -6.12
N SER B 85 -4.45 7.74 -7.43
CA SER B 85 -5.36 8.74 -8.01
C SER B 85 -5.93 8.27 -9.35
N TRP B 86 -7.21 8.52 -9.58
CA TRP B 86 -7.88 8.27 -10.89
C TRP B 86 -7.12 9.04 -11.99
N ARG B 87 -6.39 10.09 -11.63
CA ARG B 87 -5.69 10.97 -12.61
C ARG B 87 -4.47 10.26 -13.22
N LEU B 88 -4.05 9.14 -12.65
CA LEU B 88 -3.00 8.28 -13.27
C LEU B 88 -3.63 7.08 -13.99
N ASN B 89 -4.96 6.97 -14.00
CA ASN B 89 -5.69 5.86 -14.69
C ASN B 89 -5.30 5.80 -16.17
N GLU B 90 -5.37 4.59 -16.73
CA GLU B 90 -5.29 4.35 -18.19
C GLU B 90 -6.32 5.26 -18.87
N ARG B 91 -6.09 5.57 -20.12
CA ARG B 91 -7.06 6.29 -20.98
C ARG B 91 -8.44 5.64 -20.90
N HIS B 92 -9.49 6.45 -20.80
CA HIS B 92 -10.90 6.01 -20.88
C HIS B 92 -11.26 5.89 -22.36
N TYR B 93 -11.38 4.66 -22.88
CA TYR B 93 -11.66 4.40 -24.32
C TYR B 93 -13.18 4.41 -24.59
N GLY B 94 -13.99 4.81 -23.62
CA GLY B 94 -15.44 5.03 -23.78
C GLY B 94 -16.17 3.80 -24.29
N ALA B 95 -17.01 3.97 -25.31
CA ALA B 95 -17.84 2.89 -25.91
C ALA B 95 -16.97 1.76 -26.47
N LEU B 96 -15.71 2.03 -26.80
CA LEU B 96 -14.79 1.04 -27.43
C LEU B 96 -14.29 0.01 -26.40
N ILE B 97 -14.49 0.25 -25.10
CA ILE B 97 -13.94 -0.65 -24.02
C ILE B 97 -14.48 -2.07 -24.26
N GLY B 98 -13.58 -3.06 -24.35
CA GLY B 98 -13.93 -4.49 -24.43
C GLY B 98 -14.17 -4.99 -25.85
N LEU B 99 -14.20 -4.11 -26.85
CA LEU B 99 -14.34 -4.47 -28.29
C LEU B 99 -12.95 -4.80 -28.85
N ASN B 100 -12.86 -5.79 -29.73
CA ASN B 100 -11.65 -6.00 -30.57
C ASN B 100 -11.72 -5.04 -31.77
N ARG B 101 -10.69 -5.06 -32.62
CA ARG B 101 -10.54 -4.17 -33.81
C ARG B 101 -11.75 -4.35 -34.74
N GLU B 102 -12.07 -5.60 -35.09
CA GLU B 102 -13.20 -5.99 -35.98
C GLU B 102 -14.51 -5.35 -35.48
N GLN B 103 -14.84 -5.54 -34.19
CA GLN B 103 -16.13 -5.10 -33.61
C GLN B 103 -16.22 -3.57 -33.65
N MET B 104 -15.11 -2.87 -33.40
CA MET B 104 -15.05 -1.39 -33.41
C MET B 104 -15.41 -0.87 -34.82
N ALA B 105 -14.76 -1.42 -35.84
CA ALA B 105 -14.93 -1.03 -37.27
C ALA B 105 -16.40 -1.21 -37.70
N LEU B 106 -17.02 -2.34 -37.32
CA LEU B 106 -18.45 -2.65 -37.61
C LEU B 106 -19.37 -1.61 -36.95
N ASN B 107 -19.08 -1.22 -35.71
CA ASN B 107 -20.03 -0.46 -34.86
C ASN B 107 -19.95 1.05 -35.19
N HIS B 108 -18.79 1.56 -35.61
CA HIS B 108 -18.49 3.03 -35.62
C HIS B 108 -17.95 3.51 -36.98
N GLY B 109 -17.36 2.62 -37.78
CA GLY B 109 -16.70 2.95 -39.05
C GLY B 109 -15.21 2.76 -38.93
N GLU B 110 -14.59 2.19 -39.96
CA GLU B 110 -13.12 1.92 -40.08
C GLU B 110 -12.31 3.21 -39.89
N GLU B 111 -12.78 4.32 -40.46
CA GLU B 111 -12.07 5.63 -40.44
C GLU B 111 -11.96 6.12 -39.00
N GLN B 112 -13.11 6.39 -38.36
CA GLN B 112 -13.23 6.91 -36.98
C GLN B 112 -12.31 6.14 -36.02
N VAL B 113 -12.21 4.81 -36.22
CA VAL B 113 -11.50 3.86 -35.32
C VAL B 113 -9.98 4.15 -35.32
N ARG B 114 -9.41 4.44 -36.49
CA ARG B 114 -7.95 4.76 -36.64
C ARG B 114 -7.62 5.98 -35.80
N LEU B 115 -8.36 7.07 -36.02
CA LEU B 115 -8.24 8.36 -35.28
C LEU B 115 -8.27 8.09 -33.77
N TRP B 116 -9.35 7.45 -33.29
CA TRP B 116 -9.61 7.16 -31.86
C TRP B 116 -8.42 6.43 -31.20
N ARG B 117 -7.80 5.48 -31.91
CA ARG B 117 -6.65 4.67 -31.40
C ARG B 117 -5.34 5.45 -31.53
N ARG B 118 -5.11 6.10 -32.68
CA ARG B 118 -3.75 6.59 -33.08
C ARG B 118 -3.61 8.12 -33.01
N SER B 119 -4.71 8.89 -33.03
CA SER B 119 -4.66 10.39 -32.98
C SER B 119 -4.30 10.85 -31.56
N TYR B 120 -3.90 12.11 -31.41
CA TYR B 120 -3.60 12.72 -30.11
C TYR B 120 -4.87 13.32 -29.49
N ASN B 121 -5.74 13.94 -30.29
CA ASN B 121 -6.80 14.83 -29.74
C ASN B 121 -8.21 14.45 -30.22
N VAL B 122 -8.44 13.28 -30.80
CA VAL B 122 -9.83 12.86 -31.15
C VAL B 122 -10.37 11.94 -30.03
N THR B 123 -11.44 12.38 -29.36
CA THR B 123 -12.10 11.68 -28.23
C THR B 123 -13.05 10.61 -28.74
N PRO B 124 -12.91 9.34 -28.29
CA PRO B 124 -13.86 8.30 -28.66
C PRO B 124 -15.26 8.62 -28.17
N PRO B 125 -16.31 7.93 -28.67
CA PRO B 125 -17.66 8.14 -28.18
C PRO B 125 -17.75 7.80 -26.69
N PRO B 126 -18.52 8.57 -25.89
CA PRO B 126 -18.66 8.28 -24.46
C PRO B 126 -19.28 6.90 -24.21
N ILE B 127 -18.83 6.23 -23.15
CA ILE B 127 -19.47 4.98 -22.66
C ILE B 127 -20.87 5.36 -22.16
N GLU B 128 -21.88 4.57 -22.52
CA GLU B 128 -23.29 4.81 -22.11
C GLU B 128 -23.73 3.70 -21.16
N GLU B 129 -24.85 3.90 -20.47
CA GLU B 129 -25.37 3.00 -19.40
C GLU B 129 -25.68 1.62 -19.98
N SER B 130 -25.91 1.51 -21.28
CA SER B 130 -26.21 0.24 -22.00
C SER B 130 -24.94 -0.59 -22.17
N HIS B 131 -23.77 0.04 -22.13
CA HIS B 131 -22.46 -0.66 -22.31
C HIS B 131 -22.29 -1.74 -21.24
N PRO B 132 -21.85 -2.97 -21.59
CA PRO B 132 -21.74 -4.05 -20.62
C PRO B 132 -20.80 -3.77 -19.44
N TYR B 133 -19.89 -2.79 -19.54
CA TYR B 133 -18.84 -2.49 -18.53
C TYR B 133 -19.13 -1.15 -17.83
N TYR B 134 -20.26 -0.51 -18.14
CA TYR B 134 -20.63 0.80 -17.53
C TYR B 134 -20.83 0.67 -16.01
N GLN B 135 -21.64 -0.29 -15.56
CA GLN B 135 -22.04 -0.43 -14.14
C GLN B 135 -20.79 -0.73 -13.29
N GLU B 136 -19.94 -1.66 -13.75
CA GLU B 136 -18.79 -2.14 -12.94
C GLU B 136 -17.75 -1.01 -12.81
N ILE B 137 -17.78 -0.01 -13.69
CA ILE B 137 -16.95 1.23 -13.52
C ILE B 137 -17.70 2.20 -12.58
N TYR B 138 -18.88 2.70 -12.97
CA TYR B 138 -19.50 3.90 -12.34
C TYR B 138 -20.27 3.55 -11.06
N ASN B 139 -20.50 2.27 -10.74
CA ASN B 139 -21.11 1.89 -9.43
C ASN B 139 -20.00 1.54 -8.44
N ASP B 140 -18.72 1.58 -8.85
CA ASP B 140 -17.58 1.25 -7.96
C ASP B 140 -17.33 2.43 -7.02
N ARG B 141 -17.35 2.20 -5.70
CA ARG B 141 -17.32 3.30 -4.71
C ARG B 141 -15.94 3.97 -4.70
N ARG B 142 -14.92 3.43 -5.37
CA ARG B 142 -13.63 4.17 -5.49
C ARG B 142 -13.86 5.50 -6.23
N TYR B 143 -14.89 5.60 -7.07
CA TYR B 143 -15.17 6.81 -7.90
C TYR B 143 -16.17 7.74 -7.22
N LYS B 144 -16.57 7.43 -5.98
CA LYS B 144 -17.43 8.29 -5.11
C LYS B 144 -16.55 9.20 -4.23
N VAL B 145 -15.25 8.96 -4.15
CA VAL B 145 -14.33 9.70 -3.24
C VAL B 145 -13.13 10.24 -4.01
N CYS B 146 -13.32 10.56 -5.30
CA CYS B 146 -12.30 11.28 -6.13
C CYS B 146 -12.34 12.78 -5.84
N ASP B 147 -11.39 13.53 -6.38
CA ASP B 147 -11.27 15.00 -6.20
C ASP B 147 -12.27 15.73 -7.11
N VAL B 148 -13.06 14.98 -7.88
CA VAL B 148 -14.25 15.51 -8.62
C VAL B 148 -15.39 14.54 -8.39
N PRO B 149 -16.65 15.02 -8.42
CA PRO B 149 -17.81 14.16 -8.23
C PRO B 149 -17.91 13.08 -9.32
N LEU B 150 -18.56 11.96 -9.01
CA LEU B 150 -18.78 10.79 -9.90
C LEU B 150 -19.26 11.28 -11.29
N ASP B 151 -20.26 12.16 -11.33
CA ASP B 151 -20.89 12.63 -12.60
C ASP B 151 -19.95 13.55 -13.39
N GLN B 152 -18.85 14.04 -12.80
CA GLN B 152 -17.85 14.89 -13.49
C GLN B 152 -16.70 14.05 -14.06
N LEU B 153 -16.55 12.78 -13.66
CA LEU B 153 -15.50 11.89 -14.21
C LEU B 153 -15.76 11.66 -15.71
N PRO B 154 -14.72 11.49 -16.54
CA PRO B 154 -14.90 11.35 -17.98
C PRO B 154 -15.64 10.06 -18.32
N ARG B 155 -16.35 10.07 -19.44
CA ARG B 155 -17.00 8.89 -20.06
C ARG B 155 -16.20 8.45 -21.29
N SER B 156 -15.18 9.21 -21.69
CA SER B 156 -14.24 8.89 -22.81
C SER B 156 -13.17 9.97 -22.86
N GLU B 157 -12.04 9.63 -23.45
CA GLU B 157 -10.82 10.48 -23.42
C GLU B 157 -9.99 10.25 -24.68
N SER B 158 -9.52 11.33 -25.29
CA SER B 158 -8.35 11.34 -26.21
C SER B 158 -7.09 11.25 -25.34
N LEU B 159 -5.94 11.03 -25.96
CA LEU B 159 -4.65 11.09 -25.25
C LEU B 159 -4.47 12.52 -24.70
N LYS B 160 -4.94 13.53 -25.44
CA LYS B 160 -4.89 14.94 -24.98
C LYS B 160 -5.68 15.07 -23.68
N ASP B 161 -6.89 14.50 -23.64
CA ASP B 161 -7.76 14.52 -22.43
C ASP B 161 -7.02 13.89 -21.25
N VAL B 162 -6.28 12.80 -21.49
CA VAL B 162 -5.53 12.11 -20.41
C VAL B 162 -4.50 13.08 -19.83
N LEU B 163 -3.69 13.72 -20.68
CA LEU B 163 -2.67 14.69 -20.21
CA LEU B 163 -2.67 14.70 -20.23
C LEU B 163 -3.35 15.79 -19.38
N GLU B 164 -4.52 16.26 -19.81
CA GLU B 164 -5.18 17.44 -19.20
C GLU B 164 -5.75 17.08 -17.82
N ARG B 165 -6.17 15.84 -17.56
CA ARG B 165 -6.61 15.45 -16.19
C ARG B 165 -5.44 14.91 -15.35
N LEU B 166 -4.28 14.61 -15.95
CA LEU B 166 -3.06 14.15 -15.24
C LEU B 166 -2.26 15.36 -14.74
N LEU B 167 -2.20 16.42 -15.55
CA LEU B 167 -1.40 17.65 -15.27
C LEU B 167 -1.69 18.21 -13.88
N PRO B 168 -2.96 18.36 -13.46
CA PRO B 168 -3.26 18.92 -12.13
C PRO B 168 -2.65 18.09 -10.99
N TYR B 169 -2.62 16.77 -11.14
CA TYR B 169 -2.00 15.86 -10.14
C TYR B 169 -0.47 16.01 -10.17
N TRP B 170 0.14 16.08 -11.35
CA TRP B 170 1.59 16.36 -11.50
C TRP B 170 1.90 17.69 -10.79
N ASN B 171 1.19 18.75 -11.17
CA ASN B 171 1.50 20.13 -10.73
C ASN B 171 1.30 20.27 -9.21
N GLU B 172 0.21 19.73 -8.68
CA GLU B 172 -0.21 19.99 -7.27
C GLU B 172 0.37 18.96 -6.31
N ARG B 173 0.54 17.70 -6.73
CA ARG B 173 0.87 16.60 -5.80
C ARG B 173 2.29 16.06 -6.02
N ILE B 174 2.68 15.75 -7.26
CA ILE B 174 3.95 15.03 -7.54
C ILE B 174 5.12 16.02 -7.63
N ALA B 175 4.98 17.07 -8.43
CA ALA B 175 6.06 18.03 -8.72
C ALA B 175 6.65 18.61 -7.43
N PRO B 176 5.83 19.04 -6.44
CA PRO B 176 6.36 19.57 -5.19
C PRO B 176 7.29 18.59 -4.45
N GLU B 177 6.96 17.30 -4.49
CA GLU B 177 7.77 16.25 -3.81
C GLU B 177 9.07 16.07 -4.58
N VAL B 178 9.05 16.14 -5.90
CA VAL B 178 10.29 16.08 -6.73
C VAL B 178 11.17 17.28 -6.32
N LEU B 179 10.59 18.47 -6.16
CA LEU B 179 11.36 19.69 -5.80
C LEU B 179 11.92 19.57 -4.38
N ARG B 180 11.30 18.77 -3.51
CA ARG B 180 11.81 18.49 -2.15
C ARG B 180 13.03 17.55 -2.20
N GLY B 181 13.34 16.97 -3.35
CA GLY B 181 14.49 16.06 -3.52
C GLY B 181 14.13 14.60 -3.23
N LYS B 182 12.83 14.29 -3.17
CA LYS B 182 12.36 12.89 -2.95
C LYS B 182 12.51 12.09 -4.25
N THR B 183 12.90 10.82 -4.13
CA THR B 183 12.98 9.86 -5.25
C THR B 183 11.60 9.21 -5.39
N ILE B 184 10.91 9.52 -6.49
CA ILE B 184 9.50 9.11 -6.75
C ILE B 184 9.48 7.95 -7.74
N LEU B 185 8.62 6.98 -7.47
CA LEU B 185 8.23 5.93 -8.45
C LEU B 185 6.78 6.21 -8.85
N ILE B 186 6.52 6.28 -10.15
CA ILE B 186 5.14 6.35 -10.68
C ILE B 186 4.82 5.01 -11.33
N SER B 187 3.81 4.31 -10.81
CA SER B 187 3.32 3.01 -11.35
C SER B 187 2.08 3.32 -12.17
N ALA B 188 2.22 3.38 -13.49
CA ALA B 188 1.18 3.97 -14.37
C ALA B 188 0.76 2.97 -15.44
N HIS B 189 0.08 3.47 -16.46
CA HIS B 189 -0.48 2.65 -17.57
C HIS B 189 0.10 3.17 -18.88
N GLY B 190 -0.26 2.56 -20.01
CA GLY B 190 0.27 2.93 -21.34
C GLY B 190 0.07 4.41 -21.63
N ASN B 191 -1.17 4.90 -21.56
CA ASN B 191 -1.55 6.28 -21.95
C ASN B 191 -1.12 7.30 -20.87
N SER B 192 -1.21 6.97 -19.57
CA SER B 192 -0.85 7.91 -18.49
C SER B 192 0.66 8.12 -18.47
N SER B 193 1.47 7.08 -18.67
CA SER B 193 2.94 7.21 -18.78
C SER B 193 3.31 8.03 -20.03
N ARG B 194 2.64 7.76 -21.15
CA ARG B 194 2.90 8.46 -22.45
C ARG B 194 2.56 9.95 -22.28
N ALA B 195 1.44 10.27 -21.64
CA ALA B 195 0.96 11.66 -21.40
C ALA B 195 2.00 12.43 -20.57
N LEU B 196 2.45 11.88 -19.44
CA LEU B 196 3.42 12.58 -18.56
C LEU B 196 4.74 12.79 -19.29
N LEU B 197 5.22 11.78 -20.02
CA LEU B 197 6.49 11.92 -20.81
C LEU B 197 6.33 13.03 -21.84
N LYS B 198 5.20 13.08 -22.56
CA LYS B 198 4.93 14.14 -23.57
C LYS B 198 5.15 15.50 -22.91
N HIS B 199 4.52 15.69 -21.74
CA HIS B 199 4.55 16.95 -20.99
C HIS B 199 5.98 17.28 -20.55
N LEU B 200 6.68 16.37 -19.88
CA LEU B 200 8.00 16.70 -19.25
C LEU B 200 9.09 16.86 -20.32
N GLU B 201 8.95 16.21 -21.46
CA GLU B 201 9.97 16.21 -22.54
C GLU B 201 9.61 17.20 -23.65
N GLY B 202 8.40 17.78 -23.61
CA GLY B 202 7.90 18.69 -24.65
C GLY B 202 7.86 17.99 -26.00
N ILE B 203 7.37 16.76 -26.04
CA ILE B 203 7.22 15.98 -27.29
C ILE B 203 5.99 16.50 -28.03
N SER B 204 6.06 16.58 -29.35
CA SER B 204 4.98 17.16 -30.19
C SER B 204 3.76 16.24 -30.20
N ASP B 205 2.58 16.79 -30.53
CA ASP B 205 1.33 16.03 -30.77
C ASP B 205 1.56 14.91 -31.79
N GLU B 206 2.42 15.17 -32.78
CA GLU B 206 2.70 14.24 -33.90
C GLU B 206 3.65 13.13 -33.43
N ASP B 207 4.72 13.49 -32.72
CA ASP B 207 5.80 12.54 -32.35
C ASP B 207 5.34 11.61 -31.21
N ILE B 208 4.37 12.01 -30.37
CA ILE B 208 4.07 11.27 -29.11
C ILE B 208 3.51 9.89 -29.44
N ILE B 209 2.73 9.81 -30.52
CA ILE B 209 2.02 8.58 -30.99
C ILE B 209 3.03 7.45 -31.25
N ASN B 210 4.27 7.78 -31.61
CA ASN B 210 5.26 6.81 -32.14
C ASN B 210 6.26 6.36 -31.08
N ILE B 211 6.36 7.01 -29.91
CA ILE B 211 7.45 6.66 -28.96
C ILE B 211 7.15 5.26 -28.39
N THR B 212 8.21 4.49 -28.09
CA THR B 212 8.16 3.10 -27.59
C THR B 212 8.11 3.11 -26.05
N LEU B 213 7.09 2.49 -25.47
CA LEU B 213 6.96 2.36 -24.00
C LEU B 213 6.84 0.88 -23.65
N PRO B 214 7.97 0.19 -23.45
CA PRO B 214 7.94 -1.21 -23.03
C PRO B 214 7.38 -1.30 -21.60
N THR B 215 6.70 -2.40 -21.27
CA THR B 215 6.14 -2.69 -19.93
C THR B 215 7.23 -3.33 -19.06
N GLY B 216 7.11 -3.18 -17.73
CA GLY B 216 8.00 -3.85 -16.75
C GLY B 216 9.43 -3.34 -16.79
N VAL B 217 9.65 -2.16 -17.39
CA VAL B 217 10.99 -1.53 -17.54
C VAL B 217 10.97 -0.18 -16.82
N PRO B 218 11.93 0.07 -15.91
CA PRO B 218 12.09 1.40 -15.31
C PRO B 218 12.47 2.45 -16.36
N ILE B 219 11.69 3.53 -16.40
CA ILE B 219 11.91 4.71 -17.28
C ILE B 219 12.46 5.85 -16.43
N LEU B 220 13.72 6.20 -16.63
CA LEU B 220 14.39 7.28 -15.86
C LEU B 220 14.19 8.61 -16.58
N LEU B 221 13.71 9.63 -15.85
CA LEU B 221 13.70 11.06 -16.30
C LEU B 221 14.64 11.88 -15.43
N GLU B 222 15.60 12.55 -16.04
CA GLU B 222 16.45 13.57 -15.37
C GLU B 222 15.82 14.95 -15.64
N LEU B 223 15.50 15.69 -14.58
CA LEU B 223 14.75 16.98 -14.64
C LEU B 223 15.62 18.12 -14.09
N ASP B 224 15.48 19.32 -14.65
CA ASP B 224 16.17 20.56 -14.22
C ASP B 224 15.33 21.26 -13.14
N GLU B 225 15.70 22.49 -12.76
CA GLU B 225 15.03 23.25 -11.66
C GLU B 225 13.60 23.62 -12.07
N ASN B 226 13.28 23.61 -13.36
CA ASN B 226 11.91 23.91 -13.86
C ASN B 226 11.13 22.61 -14.07
N LEU B 227 11.71 21.47 -13.68
CA LEU B 227 11.12 20.12 -13.86
C LEU B 227 10.89 19.86 -15.35
N ARG B 228 11.83 20.33 -16.17
CA ARG B 228 11.88 20.01 -17.63
C ARG B 228 12.97 18.94 -17.81
N ALA B 229 12.71 17.96 -18.68
CA ALA B 229 13.62 16.84 -18.97
C ALA B 229 14.93 17.40 -19.52
N VAL B 230 16.05 16.92 -18.98
CA VAL B 230 17.43 17.12 -19.53
C VAL B 230 17.77 15.84 -20.29
N GLY B 231 17.68 15.88 -21.62
CA GLY B 231 17.83 14.71 -22.49
C GLY B 231 16.56 13.87 -22.50
N PRO B 232 16.50 12.83 -23.36
CA PRO B 232 15.33 11.98 -23.44
C PRO B 232 15.26 11.05 -22.22
N HIS B 233 14.10 10.42 -22.01
CA HIS B 233 13.93 9.36 -20.99
C HIS B 233 14.88 8.22 -21.33
N GLN B 234 15.32 7.48 -20.32
CA GLN B 234 16.26 6.33 -20.42
C GLN B 234 15.60 5.08 -19.85
N PHE B 235 15.70 3.96 -20.57
CA PHE B 235 15.29 2.63 -20.08
C PHE B 235 16.45 2.05 -19.26
N LEU B 236 16.18 1.66 -18.02
CA LEU B 236 17.20 1.10 -17.11
C LEU B 236 17.15 -0.43 -17.15
N GLY B 237 18.31 -1.06 -16.99
CA GLY B 237 18.49 -2.52 -16.90
C GLY B 237 19.22 -3.09 -18.10
N ASP B 238 19.05 -4.40 -18.33
CA ASP B 238 19.77 -5.18 -19.37
C ASP B 238 19.16 -4.87 -20.74
N GLN B 239 20.00 -4.46 -21.70
CA GLN B 239 19.59 -4.02 -23.05
C GLN B 239 18.88 -5.16 -23.80
N GLU B 240 19.27 -6.41 -23.54
CA GLU B 240 18.61 -7.60 -24.15
C GLU B 240 17.14 -7.61 -23.73
N ALA B 241 16.88 -7.61 -22.41
CA ALA B 241 15.53 -7.61 -21.81
C ALA B 241 14.71 -6.42 -22.34
N ILE B 242 15.32 -5.23 -22.38
CA ILE B 242 14.65 -3.98 -22.86
C ILE B 242 14.23 -4.17 -24.32
N GLN B 243 15.14 -4.64 -25.16
CA GLN B 243 14.89 -4.86 -26.62
C GLN B 243 13.73 -5.84 -26.78
N ALA B 244 13.68 -6.86 -25.93
CA ALA B 244 12.60 -7.88 -25.91
C ALA B 244 11.27 -7.18 -25.59
N ALA B 245 11.25 -6.35 -24.54
CA ALA B 245 10.04 -5.63 -24.08
C ALA B 245 9.55 -4.67 -25.19
N ILE B 246 10.48 -4.02 -25.90
CA ILE B 246 10.15 -3.06 -27.00
C ILE B 246 9.47 -3.84 -28.13
N LYS B 247 10.00 -5.01 -28.50
CA LYS B 247 9.45 -5.84 -29.59
C LYS B 247 8.02 -6.28 -29.22
N LYS B 248 7.76 -6.60 -27.95
CA LYS B 248 6.44 -7.09 -27.49
C LYS B 248 5.37 -6.01 -27.66
N VAL B 249 5.70 -4.72 -27.48
CA VAL B 249 4.73 -3.60 -27.63
C VAL B 249 4.72 -3.14 -29.09
N GLU B 250 5.86 -3.27 -29.77
CA GLU B 250 6.01 -3.00 -31.24
C GLU B 250 5.10 -3.97 -31.98
N ASP B 251 5.33 -5.28 -31.82
CA ASP B 251 4.68 -6.36 -32.62
C ASP B 251 3.18 -6.42 -32.33
N GLN B 252 2.75 -6.06 -31.13
CA GLN B 252 1.30 -6.08 -30.76
C GLN B 252 0.55 -5.03 -31.58
C1 EDO C . -10.81 7.55 22.24
O1 EDO C . -11.66 7.11 23.28
C2 EDO C . -10.56 9.03 22.22
O2 EDO C . -9.26 9.41 22.68
C1 EDO D . -1.26 12.44 24.11
O1 EDO D . -2.04 12.15 25.26
C2 EDO D . -1.93 11.98 22.86
O2 EDO D . -2.47 13.02 22.06
C1 EDO E . 6.40 6.31 7.33
O1 EDO E . 5.85 5.63 6.20
C2 EDO E . 7.91 6.31 7.34
O2 EDO E . 8.51 6.02 8.60
C1 EDO F . -6.82 -17.24 12.65
O1 EDO F . -6.88 -16.90 11.27
C2 EDO F . -6.88 -18.71 12.90
O2 EDO F . -6.03 -19.18 13.92
C1 EDO G . 4.99 22.42 -12.09
O1 EDO G . 6.39 22.52 -12.33
C2 EDO G . 4.47 23.51 -11.24
O2 EDO G . 4.72 24.80 -11.80
C1 EDO H . 16.89 11.38 -6.83
O1 EDO H . 15.75 10.73 -7.35
C2 EDO H . 16.62 12.79 -6.46
O2 EDO H . 15.80 13.45 -7.40
C1 EDO I . 20.89 1.51 -15.97
O1 EDO I . 20.72 0.21 -16.47
C2 EDO I . 22.19 1.74 -15.31
O2 EDO I . 22.15 2.81 -14.38
#